data_7F1E
#
_entry.id   7F1E
#
_cell.length_a   83.457
_cell.length_b   83.457
_cell.length_c   129.686
_cell.angle_alpha   90.000
_cell.angle_beta   90.000
_cell.angle_gamma   90.000
#
_symmetry.space_group_name_H-M   'P 43'
#
loop_
_entity.id
_entity.type
_entity.pdbx_description
1 polymer 'tRNA N(3)-methylcytidine methyltransferase METTL6'
2 non-polymer S-ADENOSYLMETHIONINE
3 water water
#
_entity_poly.entity_id   1
_entity_poly.type   'polypeptide(L)'
_entity_poly.pdbx_seq_one_letter_code
;GHMASLQRKGLQARILTSEEEEKLKRDQTLVSDFKQQKLEQEAQKNWDLFYKRNSTNFFKDRHWTTREFEELRSCREFED
QKLTMLEAGCGVGNCLFPLLEEDPNIFAYACDFSPRAIEYVKQNPLYDTERCKVFQCDLTKDDLLDHVPPESVDVVMLIF
VLSAVHPDKMHLVLQNIYKVLKPGKSVLFRDYGLYDHAMLRFKASSKLGENFYVRQDGTRSYFFTDDFLAQLFMDTGYEE
VVNEYVFRETVNKKEGLCVPRVFLQSKFLKPPKNPSPVVLGLDPKS
;
_entity_poly.pdbx_strand_id   A,B
#
loop_
_chem_comp.id
_chem_comp.type
_chem_comp.name
_chem_comp.formula
SAM non-polymer S-ADENOSYLMETHIONINE 'C15 H22 N6 O5 S'
#
# COMPACT_ATOMS: atom_id res chain seq x y z
N THR A 17 7.26 30.42 -13.08
CA THR A 17 6.41 30.23 -11.91
C THR A 17 6.98 30.91 -10.66
N SER A 18 6.07 31.49 -9.87
CA SER A 18 6.40 32.20 -8.63
C SER A 18 7.04 31.26 -7.60
N GLU A 19 7.48 31.85 -6.49
CA GLU A 19 7.88 31.02 -5.35
C GLU A 19 6.66 30.44 -4.66
N GLU A 20 5.61 31.24 -4.48
CA GLU A 20 4.36 30.73 -3.92
C GLU A 20 3.68 29.75 -4.86
N GLU A 21 3.86 29.94 -6.16
CA GLU A 21 3.32 28.97 -7.11
C GLU A 21 3.96 27.61 -6.92
N GLU A 22 5.28 27.57 -6.73
CA GLU A 22 5.95 26.31 -6.50
C GLU A 22 5.53 25.73 -5.16
N LYS A 23 5.52 26.55 -4.11
CA LYS A 23 5.09 26.09 -2.80
C LYS A 23 3.71 25.44 -2.87
N LEU A 24 2.77 26.12 -3.52
CA LEU A 24 1.38 25.63 -3.55
C LEU A 24 1.25 24.25 -4.18
N LYS A 25 2.12 23.91 -5.15
CA LYS A 25 2.04 22.60 -5.81
C LYS A 25 2.58 21.49 -4.92
N ARG A 26 3.62 21.77 -4.13
CA ARG A 26 4.04 20.78 -3.17
C ARG A 26 3.04 20.69 -2.03
N ASP A 27 2.35 21.78 -1.71
CA ASP A 27 1.28 21.73 -0.71
C ASP A 27 0.11 20.87 -1.20
N GLN A 28 -0.22 20.97 -2.48
CA GLN A 28 -1.35 20.20 -3.00
C GLN A 28 -1.09 18.71 -2.88
N THR A 29 0.12 18.25 -3.22
CA THR A 29 0.43 16.84 -3.09
C THR A 29 0.33 16.37 -1.65
N LEU A 30 0.90 17.16 -0.76
CA LEU A 30 0.91 16.86 0.65
C LEU A 30 -0.49 16.75 1.24
N VAL A 31 -1.34 17.72 0.96
CA VAL A 31 -2.70 17.70 1.47
C VAL A 31 -3.48 16.56 0.85
N SER A 32 -3.27 16.31 -0.45
CA SER A 32 -4.01 15.27 -1.14
C SER A 32 -3.65 13.89 -0.61
N ASP A 33 -2.37 13.67 -0.27
CA ASP A 33 -1.98 12.42 0.38
C ASP A 33 -2.57 12.33 1.78
N PHE A 34 -2.61 13.45 2.51
CA PHE A 34 -3.29 13.44 3.80
C PHE A 34 -4.75 13.03 3.63
N LYS A 35 -5.43 13.63 2.64
CA LYS A 35 -6.82 13.29 2.38
C LYS A 35 -6.96 11.81 2.02
N GLN A 36 -6.12 11.33 1.10
CA GLN A 36 -6.24 9.93 0.70
C GLN A 36 -6.07 9.01 1.90
N GLN A 37 -5.00 9.20 2.68
CA GLN A 37 -4.75 8.28 3.79
C GLN A 37 -5.88 8.31 4.78
N LYS A 38 -6.39 9.51 5.10
CA LYS A 38 -7.51 9.57 6.03
C LYS A 38 -8.71 8.82 5.48
N LEU A 39 -9.02 9.02 4.18
CA LEU A 39 -10.11 8.28 3.57
C LEU A 39 -9.87 6.78 3.61
N GLU A 40 -8.62 6.34 3.41
CA GLU A 40 -8.35 4.92 3.46
C GLU A 40 -8.41 4.39 4.89
N GLN A 41 -7.83 5.14 5.84
CA GLN A 41 -7.87 4.74 7.25
C GLN A 41 -9.29 4.53 7.73
N GLU A 42 -10.25 5.30 7.21
CA GLU A 42 -11.61 5.30 7.71
C GLU A 42 -12.61 4.67 6.75
N ALA A 43 -12.12 3.86 5.80
CA ALA A 43 -13.00 3.15 4.89
C ALA A 43 -14.11 2.42 5.63
N GLN A 44 -13.75 1.72 6.72
CA GLN A 44 -14.77 0.97 7.44
C GLN A 44 -15.71 1.90 8.20
N LYS A 45 -15.15 2.92 8.87
CA LYS A 45 -15.98 3.83 9.65
C LYS A 45 -17.05 4.47 8.77
N ASN A 46 -16.64 4.99 7.60
CA ASN A 46 -17.57 5.69 6.73
C ASN A 46 -18.66 4.77 6.19
N TRP A 47 -18.35 3.50 5.92
CA TRP A 47 -19.41 2.59 5.51
C TRP A 47 -20.29 2.22 6.69
N ASP A 48 -19.69 2.09 7.87
CA ASP A 48 -20.50 1.81 9.04
C ASP A 48 -21.39 3.00 9.38
N LEU A 49 -20.85 4.22 9.30
CA LEU A 49 -21.67 5.40 9.54
C LEU A 49 -22.78 5.51 8.50
N PHE A 50 -22.49 5.12 7.26
CA PHE A 50 -23.51 5.15 6.21
C PHE A 50 -24.72 4.32 6.62
N TYR A 51 -24.48 3.09 7.10
CA TYR A 51 -25.60 2.25 7.50
C TYR A 51 -26.28 2.79 8.75
N LYS A 52 -25.51 3.28 9.72
CA LYS A 52 -26.12 3.79 10.93
C LYS A 52 -26.90 5.07 10.71
N ARG A 53 -26.94 5.61 9.49
CA ARG A 53 -27.59 6.88 9.21
C ARG A 53 -28.68 6.78 8.14
N ASN A 54 -29.14 5.57 7.83
CA ASN A 54 -30.18 5.35 6.84
C ASN A 54 -30.96 4.13 7.25
N SER A 55 -32.13 3.95 6.61
CA SER A 55 -32.73 2.62 6.52
C SER A 55 -33.51 2.30 5.24
N THR A 56 -33.72 3.23 4.32
CA THR A 56 -34.31 2.90 3.03
C THR A 56 -33.26 2.27 2.11
N ASN A 57 -32.72 1.14 2.58
CA ASN A 57 -31.63 0.42 1.92
C ASN A 57 -32.17 -0.48 0.82
N THR A 66 -30.40 -9.95 -12.46
CA THR A 66 -30.96 -11.22 -12.92
C THR A 66 -29.90 -12.08 -13.60
N ARG A 67 -28.82 -11.44 -14.06
CA ARG A 67 -27.66 -12.17 -14.56
C ARG A 67 -27.17 -13.19 -13.54
N GLU A 68 -27.30 -12.85 -12.25
CA GLU A 68 -26.85 -13.72 -11.18
C GLU A 68 -27.60 -15.04 -11.19
N PHE A 69 -28.94 -14.97 -11.18
CA PHE A 69 -29.79 -16.15 -11.27
C PHE A 69 -29.40 -17.04 -12.44
N GLU A 70 -29.14 -16.43 -13.60
CA GLU A 70 -28.81 -17.20 -14.80
C GLU A 70 -27.56 -18.04 -14.62
N GLU A 71 -26.55 -17.51 -13.93
CA GLU A 71 -25.30 -18.24 -13.76
CA GLU A 71 -25.30 -18.26 -13.77
C GLU A 71 -25.38 -19.26 -12.64
N LEU A 72 -26.23 -19.04 -11.64
CA LEU A 72 -26.46 -20.06 -10.63
C LEU A 72 -27.12 -21.29 -11.24
N ARG A 73 -28.16 -21.08 -12.04
CA ARG A 73 -28.76 -22.17 -12.80
C ARG A 73 -27.81 -22.71 -13.88
N SER A 74 -26.67 -22.07 -14.11
CA SER A 74 -25.75 -22.47 -15.17
C SER A 74 -24.79 -23.56 -14.71
N CYS A 75 -24.05 -23.34 -13.62
CA CYS A 75 -23.04 -24.28 -13.20
C CYS A 75 -23.62 -25.53 -12.53
N ARG A 76 -24.94 -25.62 -12.39
CA ARG A 76 -25.55 -26.80 -11.80
C ARG A 76 -25.39 -28.02 -12.72
N GLU A 77 -24.84 -29.09 -12.17
CA GLU A 77 -24.76 -30.35 -12.90
C GLU A 77 -26.11 -31.06 -12.90
N PHE A 78 -26.68 -31.29 -11.72
CA PHE A 78 -28.02 -31.83 -11.59
C PHE A 78 -29.04 -30.71 -11.81
N GLU A 79 -30.32 -30.99 -11.57
CA GLU A 79 -31.36 -29.96 -11.75
C GLU A 79 -31.47 -29.06 -10.53
N ASP A 80 -31.82 -29.64 -9.38
CA ASP A 80 -31.97 -28.89 -8.14
C ASP A 80 -30.77 -29.09 -7.22
N GLN A 81 -29.58 -29.15 -7.81
CA GLN A 81 -28.37 -29.44 -7.07
C GLN A 81 -28.01 -28.27 -6.16
N LYS A 82 -27.71 -28.59 -4.90
CA LYS A 82 -27.25 -27.58 -3.96
C LYS A 82 -25.94 -26.97 -4.42
N LEU A 83 -25.82 -25.65 -4.29
CA LEU A 83 -24.58 -24.95 -4.57
C LEU A 83 -24.24 -24.04 -3.41
N THR A 84 -22.97 -23.78 -3.23
CA THR A 84 -22.54 -22.86 -2.19
C THR A 84 -21.89 -21.62 -2.81
N MET A 85 -22.14 -20.48 -2.19
CA MET A 85 -22.00 -19.18 -2.79
C MET A 85 -21.43 -18.23 -1.75
N LEU A 86 -20.51 -17.34 -2.15
CA LEU A 86 -19.94 -16.33 -1.26
C LEU A 86 -20.30 -14.95 -1.80
N GLU A 87 -21.02 -14.18 -0.99
CA GLU A 87 -21.42 -12.82 -1.35
C GLU A 87 -20.45 -11.87 -0.66
N ALA A 88 -19.40 -11.47 -1.38
CA ALA A 88 -18.31 -10.68 -0.82
C ALA A 88 -18.69 -9.21 -0.80
N GLY A 89 -18.91 -8.66 0.39
CA GLY A 89 -19.41 -7.29 0.50
C GLY A 89 -20.92 -7.29 0.46
N CYS A 90 -21.54 -8.03 1.37
CA CYS A 90 -22.97 -8.32 1.27
C CYS A 90 -23.83 -7.12 1.59
N GLY A 91 -23.29 -6.11 2.27
CA GLY A 91 -24.14 -5.03 2.73
C GLY A 91 -25.23 -5.56 3.63
N VAL A 92 -26.45 -5.04 3.44
CA VAL A 92 -27.58 -5.52 4.22
C VAL A 92 -28.29 -6.66 3.48
N GLY A 93 -27.65 -7.17 2.43
CA GLY A 93 -28.16 -8.34 1.74
C GLY A 93 -29.15 -8.07 0.63
N ASN A 94 -29.06 -6.91 -0.02
CA ASN A 94 -30.01 -6.62 -1.10
C ASN A 94 -29.85 -7.60 -2.25
N CYS A 95 -28.64 -8.07 -2.49
CA CYS A 95 -28.36 -9.04 -3.53
C CYS A 95 -28.25 -10.45 -2.97
N LEU A 96 -28.59 -10.64 -1.69
CA LEU A 96 -28.41 -11.93 -1.03
C LEU A 96 -29.74 -12.63 -0.76
N PHE A 97 -30.63 -11.98 -0.02
CA PHE A 97 -31.91 -12.60 0.32
C PHE A 97 -32.78 -12.89 -0.89
N PRO A 98 -32.80 -12.08 -1.95
CA PRO A 98 -33.56 -12.51 -3.15
C PRO A 98 -33.04 -13.83 -3.70
N LEU A 99 -31.72 -13.95 -3.89
CA LEU A 99 -31.13 -15.17 -4.40
C LEU A 99 -31.45 -16.37 -3.51
N LEU A 100 -31.58 -16.15 -2.19
CA LEU A 100 -31.96 -17.24 -1.30
C LEU A 100 -33.43 -17.59 -1.44
N GLU A 101 -34.27 -16.59 -1.71
CA GLU A 101 -35.71 -16.86 -1.74
C GLU A 101 -36.13 -17.52 -3.04
N GLU A 102 -35.50 -17.13 -4.16
CA GLU A 102 -35.81 -17.77 -5.43
C GLU A 102 -35.28 -19.19 -5.50
N ASP A 103 -34.04 -19.40 -5.08
CA ASP A 103 -33.38 -20.69 -5.17
C ASP A 103 -33.32 -21.33 -3.80
N PRO A 104 -33.88 -22.53 -3.60
CA PRO A 104 -33.80 -23.18 -2.29
C PRO A 104 -32.55 -24.04 -2.11
N ASN A 105 -31.93 -24.45 -3.20
CA ASN A 105 -30.73 -25.30 -3.15
C ASN A 105 -29.46 -24.48 -3.31
N ILE A 106 -29.30 -23.47 -2.45
CA ILE A 106 -28.12 -22.61 -2.50
C ILE A 106 -27.81 -22.16 -1.09
N PHE A 107 -26.55 -22.33 -0.67
CA PHE A 107 -26.08 -21.85 0.63
C PHE A 107 -25.13 -20.68 0.42
N ALA A 108 -25.34 -19.61 1.17
CA ALA A 108 -24.60 -18.36 0.97
C ALA A 108 -23.75 -18.05 2.19
N TYR A 109 -22.43 -18.12 2.01
CA TYR A 109 -21.52 -17.37 2.87
C TYR A 109 -21.59 -15.89 2.49
N ALA A 110 -21.56 -15.02 3.49
CA ALA A 110 -21.67 -13.60 3.23
C ALA A 110 -20.74 -12.85 4.17
N CYS A 111 -19.97 -11.90 3.65
CA CYS A 111 -19.17 -11.07 4.53
C CYS A 111 -19.32 -9.61 4.13
N ASP A 112 -18.87 -8.76 5.04
CA ASP A 112 -18.88 -7.30 4.96
C ASP A 112 -18.05 -6.83 6.14
N PHE A 113 -17.42 -5.67 6.00
CA PHE A 113 -16.61 -5.21 7.11
C PHE A 113 -17.34 -4.18 7.97
N SER A 114 -18.56 -3.83 7.61
CA SER A 114 -19.37 -2.95 8.44
C SER A 114 -20.14 -3.77 9.46
N PRO A 115 -19.87 -3.62 10.76
CA PRO A 115 -20.66 -4.38 11.75
C PRO A 115 -22.14 -4.06 11.71
N ARG A 116 -22.50 -2.78 11.50
CA ARG A 116 -23.91 -2.41 11.47
C ARG A 116 -24.64 -3.11 10.33
N ALA A 117 -24.03 -3.14 9.14
CA ALA A 117 -24.62 -3.87 8.03
C ALA A 117 -24.85 -5.32 8.40
N ILE A 118 -23.89 -5.93 9.10
CA ILE A 118 -24.01 -7.34 9.48
C ILE A 118 -25.19 -7.54 10.42
N GLU A 119 -25.39 -6.61 11.33
CA GLU A 119 -26.49 -6.67 12.27
C GLU A 119 -27.76 -6.73 11.46
N TYR A 120 -27.89 -5.85 10.47
CA TYR A 120 -29.06 -5.84 9.63
C TYR A 120 -29.30 -7.17 8.92
N VAL A 121 -28.25 -7.82 8.45
CA VAL A 121 -28.40 -9.08 7.76
C VAL A 121 -28.84 -10.17 8.71
N LYS A 122 -28.33 -10.12 9.93
CA LYS A 122 -28.67 -11.11 10.92
C LYS A 122 -30.01 -10.77 11.54
N GLN A 123 -30.38 -9.49 11.48
CA GLN A 123 -31.63 -9.09 12.06
C GLN A 123 -32.87 -9.19 11.21
N ASN A 124 -32.84 -9.43 9.88
CA ASN A 124 -34.17 -9.45 9.29
C ASN A 124 -34.68 -10.87 9.26
N PRO A 125 -36.01 -11.04 9.25
CA PRO A 125 -36.59 -12.38 9.50
C PRO A 125 -36.21 -13.42 8.45
N LEU A 126 -35.84 -13.03 7.24
CA LEU A 126 -35.43 -14.03 6.25
C LEU A 126 -34.17 -14.77 6.69
N TYR A 127 -33.38 -14.21 7.60
CA TYR A 127 -32.13 -14.86 8.01
C TYR A 127 -32.39 -16.24 8.59
N ASP A 128 -31.94 -17.28 7.89
CA ASP A 128 -32.04 -18.65 8.35
C ASP A 128 -30.67 -19.30 8.24
N THR A 129 -30.13 -19.75 9.38
CA THR A 129 -28.76 -20.23 9.42
C THR A 129 -28.56 -21.57 8.71
N GLU A 130 -29.64 -22.23 8.27
CA GLU A 130 -29.45 -23.37 7.39
C GLU A 130 -29.10 -22.96 5.98
N ARG A 131 -29.17 -21.67 5.68
CA ARG A 131 -29.00 -21.16 4.33
C ARG A 131 -27.94 -20.08 4.23
N CYS A 132 -27.47 -19.52 5.34
CA CYS A 132 -26.75 -18.25 5.27
C CYS A 132 -25.83 -18.10 6.48
N LYS A 133 -24.53 -17.93 6.23
CA LYS A 133 -23.54 -17.68 7.27
C LYS A 133 -22.90 -16.33 6.97
N VAL A 134 -23.17 -15.33 7.79
CA VAL A 134 -22.64 -14.01 7.63
C VAL A 134 -21.53 -13.76 8.65
N PHE A 135 -20.47 -13.06 8.25
CA PHE A 135 -19.35 -12.80 9.15
C PHE A 135 -18.69 -11.49 8.75
N GLN A 136 -18.05 -10.85 9.72
CA GLN A 136 -17.27 -9.65 9.43
C GLN A 136 -15.94 -10.04 8.80
N CYS A 137 -15.52 -9.24 7.82
CA CYS A 137 -14.28 -9.46 7.10
C CYS A 137 -13.95 -8.21 6.31
N ASP A 138 -12.72 -7.72 6.45
CA ASP A 138 -12.19 -6.68 5.58
C ASP A 138 -11.43 -7.42 4.50
N LEU A 139 -11.98 -7.42 3.28
CA LEU A 139 -11.46 -8.25 2.21
C LEU A 139 -10.04 -7.88 1.81
N THR A 140 -9.53 -6.74 2.24
CA THR A 140 -8.17 -6.37 1.89
C THR A 140 -7.14 -6.95 2.82
N LYS A 141 -7.53 -7.32 4.05
CA LYS A 141 -6.56 -7.75 5.05
C LYS A 141 -6.98 -8.93 5.91
N ASP A 142 -8.25 -9.32 5.97
CA ASP A 142 -8.69 -10.45 6.79
C ASP A 142 -8.81 -11.69 5.90
N ASP A 143 -8.18 -12.78 6.31
CA ASP A 143 -8.19 -13.99 5.49
C ASP A 143 -9.58 -14.60 5.44
N LEU A 144 -10.11 -14.76 4.23
CA LEU A 144 -11.41 -15.40 4.07
C LEU A 144 -11.41 -16.84 4.57
N LEU A 145 -10.24 -17.48 4.61
CA LEU A 145 -10.18 -18.84 5.11
C LEU A 145 -10.49 -18.91 6.59
N ASP A 146 -10.43 -17.78 7.31
CA ASP A 146 -10.84 -17.76 8.71
C ASP A 146 -12.30 -18.16 8.86
N HIS A 147 -13.13 -17.93 7.84
CA HIS A 147 -14.55 -18.23 7.96
C HIS A 147 -15.11 -18.95 6.76
N VAL A 148 -14.32 -19.26 5.74
CA VAL A 148 -14.80 -19.93 4.54
C VAL A 148 -13.81 -21.05 4.24
N PRO A 149 -14.25 -22.31 4.15
CA PRO A 149 -13.30 -23.39 3.96
C PRO A 149 -12.65 -23.29 2.60
N PRO A 150 -11.41 -23.77 2.45
CA PRO A 150 -10.66 -23.55 1.21
C PRO A 150 -11.29 -24.26 0.02
N GLU A 151 -11.17 -23.61 -1.15
CA GLU A 151 -11.64 -24.15 -2.43
C GLU A 151 -12.97 -24.85 -2.25
N SER A 152 -13.84 -24.23 -1.49
CA SER A 152 -15.11 -24.79 -1.09
C SER A 152 -16.30 -24.20 -1.83
N VAL A 153 -16.13 -23.06 -2.50
CA VAL A 153 -17.25 -22.23 -2.97
C VAL A 153 -17.39 -22.33 -4.48
N ASP A 154 -18.64 -22.34 -4.96
CA ASP A 154 -18.92 -22.48 -6.39
C ASP A 154 -19.06 -21.15 -7.11
N VAL A 155 -19.50 -20.10 -6.42
CA VAL A 155 -19.67 -18.77 -7.01
C VAL A 155 -19.30 -17.73 -5.96
N VAL A 156 -18.46 -16.77 -6.34
CA VAL A 156 -18.24 -15.56 -5.57
C VAL A 156 -18.87 -14.41 -6.31
N MET A 157 -19.46 -13.48 -5.57
CA MET A 157 -20.22 -12.38 -6.16
C MET A 157 -19.68 -11.06 -5.62
N LEU A 158 -19.05 -10.31 -6.52
CA LEU A 158 -18.46 -9.00 -6.25
C LEU A 158 -19.35 -7.98 -6.94
N ILE A 159 -20.38 -7.51 -6.24
CA ILE A 159 -21.38 -6.62 -6.82
C ILE A 159 -21.24 -5.27 -6.13
N PHE A 160 -20.76 -4.28 -6.89
CA PHE A 160 -20.63 -2.90 -6.41
C PHE A 160 -19.85 -2.85 -5.10
N VAL A 161 -18.77 -3.63 -5.00
CA VAL A 161 -17.93 -3.70 -3.81
C VAL A 161 -16.50 -3.30 -4.11
N LEU A 162 -15.91 -3.87 -5.18
CA LEU A 162 -14.52 -3.58 -5.48
C LEU A 162 -14.28 -2.08 -5.65
N SER A 163 -15.25 -1.35 -6.21
CA SER A 163 -15.11 0.09 -6.43
C SER A 163 -15.01 0.89 -5.14
N ALA A 164 -15.29 0.27 -3.99
CA ALA A 164 -15.10 0.93 -2.72
C ALA A 164 -13.69 0.76 -2.18
N VAL A 165 -12.89 -0.09 -2.83
CA VAL A 165 -11.57 -0.48 -2.35
C VAL A 165 -10.53 0.37 -3.06
N HIS A 166 -9.46 0.71 -2.36
CA HIS A 166 -8.43 1.52 -3.01
C HIS A 166 -7.89 0.78 -4.22
N PRO A 167 -7.69 1.46 -5.34
CA PRO A 167 -7.18 0.77 -6.52
C PRO A 167 -5.91 -0.01 -6.25
N ASP A 168 -5.08 0.44 -5.31
CA ASP A 168 -3.85 -0.28 -5.02
C ASP A 168 -4.07 -1.55 -4.23
N LYS A 169 -5.23 -1.68 -3.58
CA LYS A 169 -5.53 -2.86 -2.79
C LYS A 169 -6.53 -3.78 -3.46
N MET A 170 -7.06 -3.41 -4.63
CA MET A 170 -8.09 -4.23 -5.25
C MET A 170 -7.58 -5.65 -5.47
N HIS A 171 -6.31 -5.79 -5.84
CA HIS A 171 -5.79 -7.13 -6.12
C HIS A 171 -5.80 -8.01 -4.86
N LEU A 172 -5.59 -7.40 -3.69
CA LEU A 172 -5.72 -8.14 -2.43
C LEU A 172 -7.10 -8.78 -2.30
N VAL A 173 -8.16 -8.02 -2.64
CA VAL A 173 -9.50 -8.58 -2.60
C VAL A 173 -9.59 -9.78 -3.51
N LEU A 174 -9.07 -9.66 -4.72
CA LEU A 174 -9.16 -10.76 -5.68
C LEU A 174 -8.30 -11.95 -5.26
N GLN A 175 -7.12 -11.68 -4.69
CA GLN A 175 -6.28 -12.76 -4.17
C GLN A 175 -7.00 -13.49 -3.04
N ASN A 176 -7.62 -12.74 -2.14
CA ASN A 176 -8.34 -13.33 -1.02
C ASN A 176 -9.46 -14.24 -1.52
N ILE A 177 -10.30 -13.73 -2.41
CA ILE A 177 -11.39 -14.51 -2.97
C ILE A 177 -10.88 -15.76 -3.69
N TYR A 178 -9.68 -15.69 -4.27
CA TYR A 178 -9.11 -16.83 -4.97
C TYR A 178 -9.03 -18.06 -4.08
N LYS A 179 -8.60 -17.89 -2.81
CA LYS A 179 -8.39 -19.04 -1.93
C LYS A 179 -9.68 -19.81 -1.71
N VAL A 180 -10.80 -19.14 -1.84
CA VAL A 180 -12.09 -19.67 -1.45
C VAL A 180 -12.79 -20.44 -2.56
N LEU A 181 -12.38 -20.25 -3.81
CA LEU A 181 -13.13 -20.69 -4.98
C LEU A 181 -12.72 -22.11 -5.36
N LYS A 182 -13.71 -22.96 -5.64
CA LYS A 182 -13.40 -24.29 -6.18
C LYS A 182 -12.94 -24.15 -7.62
N PRO A 183 -11.84 -24.81 -8.01
CA PRO A 183 -11.28 -24.59 -9.36
C PRO A 183 -12.30 -24.87 -10.45
N GLY A 184 -12.21 -24.08 -11.53
CA GLY A 184 -13.18 -24.15 -12.60
C GLY A 184 -14.44 -23.35 -12.36
N LYS A 185 -14.61 -22.75 -11.19
CA LYS A 185 -15.75 -21.89 -10.92
C LYS A 185 -15.28 -20.44 -10.80
N SER A 186 -16.24 -19.52 -10.70
CA SER A 186 -15.98 -18.18 -11.19
C SER A 186 -16.47 -17.09 -10.24
N VAL A 187 -15.96 -15.89 -10.49
CA VAL A 187 -16.41 -14.66 -9.84
C VAL A 187 -17.39 -13.94 -10.76
N LEU A 188 -18.52 -13.51 -10.22
CA LEU A 188 -19.48 -12.68 -10.94
C LEU A 188 -19.30 -11.24 -10.48
N PHE A 189 -18.79 -10.40 -11.39
CA PHE A 189 -18.45 -9.01 -11.08
C PHE A 189 -19.48 -8.07 -11.66
N ARG A 190 -19.79 -7.01 -10.91
CA ARG A 190 -20.55 -5.89 -11.45
C ARG A 190 -20.28 -4.64 -10.61
N ASP A 191 -20.02 -3.52 -11.27
CA ASP A 191 -19.63 -2.29 -10.57
C ASP A 191 -19.76 -1.09 -11.51
N TYR A 192 -19.49 0.10 -10.96
CA TYR A 192 -19.58 1.33 -11.74
C TYR A 192 -18.60 1.33 -12.91
N GLY A 193 -19.07 1.80 -14.06
CA GLY A 193 -18.27 1.89 -15.26
C GLY A 193 -17.91 3.31 -15.62
N LEU A 194 -16.95 3.42 -16.54
CA LEU A 194 -16.54 4.71 -17.07
C LEU A 194 -17.76 5.50 -17.53
N TYR A 195 -17.74 6.81 -17.26
CA TYR A 195 -18.81 7.76 -17.62
C TYR A 195 -20.15 7.42 -16.98
N ASP A 196 -20.20 6.57 -15.95
CA ASP A 196 -21.44 6.45 -15.19
C ASP A 196 -21.79 7.77 -14.53
N HIS A 197 -23.08 7.93 -14.20
CA HIS A 197 -23.61 9.27 -13.90
C HIS A 197 -22.83 9.98 -12.80
N ALA A 198 -22.52 9.28 -11.71
CA ALA A 198 -21.83 9.93 -10.60
C ALA A 198 -20.49 10.49 -11.03
N MET A 199 -19.73 9.73 -11.82
CA MET A 199 -18.46 10.22 -12.33
C MET A 199 -18.63 11.53 -13.08
N LEU A 200 -19.77 11.73 -13.73
CA LEU A 200 -20.00 12.91 -14.56
C LEU A 200 -20.53 14.10 -13.77
N ARG A 201 -20.55 14.02 -12.44
CA ARG A 201 -20.97 15.16 -11.63
C ARG A 201 -19.98 15.56 -10.56
N PHE A 202 -19.13 14.66 -10.10
CA PHE A 202 -18.16 14.99 -9.06
C PHE A 202 -17.39 16.25 -9.42
N LYS A 203 -17.41 17.24 -8.54
CA LYS A 203 -16.52 18.38 -8.69
C LYS A 203 -15.09 17.90 -8.51
N ALA A 204 -14.17 18.45 -9.30
CA ALA A 204 -12.78 18.00 -9.25
C ALA A 204 -12.17 18.13 -7.85
N SER A 205 -12.86 18.76 -6.91
CA SER A 205 -12.46 18.70 -5.50
C SER A 205 -12.55 17.28 -4.95
N SER A 206 -13.46 16.45 -5.48
CA SER A 206 -13.68 15.08 -5.02
C SER A 206 -12.89 14.05 -5.81
N LYS A 207 -12.10 14.46 -6.80
CA LYS A 207 -11.28 13.50 -7.51
C LYS A 207 -10.10 13.09 -6.63
N LEU A 208 -9.94 11.79 -6.40
CA LEU A 208 -8.79 11.27 -5.70
C LEU A 208 -7.70 10.77 -6.65
N GLY A 209 -8.00 10.61 -7.92
CA GLY A 209 -7.08 10.01 -8.86
C GLY A 209 -7.84 9.64 -10.12
N GLU A 210 -7.13 9.02 -11.04
CA GLU A 210 -7.75 8.68 -12.32
C GLU A 210 -8.90 7.71 -12.06
N ASN A 211 -10.12 8.16 -12.37
CA ASN A 211 -11.36 7.40 -12.24
C ASN A 211 -11.72 7.09 -10.79
N PHE A 212 -11.09 7.75 -9.83
CA PHE A 212 -11.27 7.44 -8.41
C PHE A 212 -11.82 8.69 -7.72
N TYR A 213 -12.97 8.55 -7.07
CA TYR A 213 -13.67 9.69 -6.50
C TYR A 213 -14.14 9.36 -5.09
N VAL A 214 -14.36 10.42 -4.30
CA VAL A 214 -14.87 10.30 -2.93
C VAL A 214 -16.26 10.95 -2.89
N ARG A 215 -17.18 10.26 -2.24
CA ARG A 215 -18.55 10.73 -2.09
C ARG A 215 -18.66 11.66 -0.88
N GLN A 216 -19.79 12.35 -0.77
CA GLN A 216 -19.97 13.26 0.34
C GLN A 216 -19.94 12.53 1.68
N ASP A 217 -20.42 11.27 1.70
CA ASP A 217 -20.40 10.47 2.92
C ASP A 217 -19.05 9.80 3.19
N GLY A 218 -17.98 10.20 2.51
CA GLY A 218 -16.68 9.63 2.75
C GLY A 218 -16.40 8.30 2.07
N THR A 219 -17.44 7.56 1.66
CA THR A 219 -17.19 6.36 0.87
C THR A 219 -16.67 6.76 -0.50
N ARG A 220 -15.95 5.83 -1.12
CA ARG A 220 -15.25 6.10 -2.36
C ARG A 220 -15.85 5.29 -3.50
N SER A 221 -15.63 5.78 -4.71
CA SER A 221 -16.13 5.09 -5.89
C SER A 221 -15.08 5.13 -6.99
N TYR A 222 -14.73 3.96 -7.50
CA TYR A 222 -13.85 3.84 -8.66
C TYR A 222 -14.71 3.48 -9.86
N PHE A 223 -14.36 4.04 -11.03
CA PHE A 223 -15.13 3.83 -12.25
C PHE A 223 -14.30 3.01 -13.23
N PHE A 224 -14.72 1.75 -13.41
CA PHE A 224 -13.87 0.76 -14.05
C PHE A 224 -13.95 0.87 -15.57
N THR A 225 -12.81 0.68 -16.22
CA THR A 225 -12.76 0.37 -17.64
C THR A 225 -12.57 -1.14 -17.81
N ASP A 226 -13.13 -1.67 -18.91
CA ASP A 226 -13.03 -3.10 -19.16
C ASP A 226 -11.59 -3.58 -19.11
N ASP A 227 -10.66 -2.76 -19.59
CA ASP A 227 -9.26 -3.18 -19.64
C ASP A 227 -8.64 -3.24 -18.26
N PHE A 228 -8.85 -2.20 -17.44
CA PHE A 228 -8.27 -2.19 -16.11
C PHE A 228 -8.77 -3.37 -15.29
N LEU A 229 -10.08 -3.61 -15.31
CA LEU A 229 -10.63 -4.70 -14.51
C LEU A 229 -10.07 -6.03 -14.97
N ALA A 230 -10.01 -6.24 -16.29
CA ALA A 230 -9.45 -7.48 -16.82
C ALA A 230 -8.02 -7.68 -16.36
N GLN A 231 -7.25 -6.59 -16.29
CA GLN A 231 -5.88 -6.72 -15.83
C GLN A 231 -5.80 -7.08 -14.36
N LEU A 232 -6.71 -6.56 -13.54
CA LEU A 232 -6.72 -6.91 -12.13
C LEU A 232 -6.89 -8.40 -11.96
N PHE A 233 -7.85 -8.98 -12.68
CA PHE A 233 -8.17 -10.38 -12.47
C PHE A 233 -7.07 -11.28 -13.02
N MET A 234 -6.44 -10.87 -14.12
CA MET A 234 -5.40 -11.71 -14.68
C MET A 234 -4.11 -11.61 -13.88
N ASP A 235 -3.81 -10.44 -13.31
CA ASP A 235 -2.65 -10.33 -12.44
C ASP A 235 -2.76 -11.23 -11.23
N THR A 236 -3.95 -11.72 -10.90
CA THR A 236 -4.12 -12.58 -9.73
C THR A 236 -4.63 -13.96 -10.10
N GLY A 237 -4.45 -14.36 -11.35
CA GLY A 237 -4.55 -15.75 -11.72
C GLY A 237 -5.89 -16.21 -12.23
N TYR A 238 -6.76 -15.31 -12.69
CA TYR A 238 -8.03 -15.73 -13.27
C TYR A 238 -7.95 -15.71 -14.80
N GLU A 239 -9.04 -16.19 -15.42
CA GLU A 239 -9.20 -16.17 -16.86
C GLU A 239 -10.52 -15.49 -17.20
N GLU A 240 -10.49 -14.62 -18.22
CA GLU A 240 -11.67 -13.86 -18.58
C GLU A 240 -12.68 -14.74 -19.31
N VAL A 241 -13.87 -14.82 -18.76
CA VAL A 241 -15.01 -15.44 -19.42
C VAL A 241 -15.87 -14.40 -20.11
N VAL A 242 -16.31 -13.38 -19.35
CA VAL A 242 -17.14 -12.27 -19.83
C VAL A 242 -16.57 -11.00 -19.23
N ASN A 243 -16.43 -9.96 -20.05
CA ASN A 243 -15.98 -8.68 -19.52
C ASN A 243 -16.52 -7.60 -20.45
N GLU A 244 -17.66 -7.01 -20.09
CA GLU A 244 -18.37 -6.13 -21.00
C GLU A 244 -19.02 -4.99 -20.25
N TYR A 245 -19.08 -3.82 -20.89
CA TYR A 245 -19.93 -2.75 -20.37
C TYR A 245 -21.38 -3.12 -20.61
N VAL A 246 -22.25 -2.69 -19.70
CA VAL A 246 -23.68 -2.75 -19.90
C VAL A 246 -24.27 -1.41 -19.52
N PHE A 247 -25.31 -1.00 -20.22
CA PHE A 247 -25.88 0.32 -20.08
C PHE A 247 -27.34 0.24 -19.65
N ARG A 248 -27.73 1.16 -18.78
CA ARG A 248 -29.04 1.11 -18.12
C ARG A 248 -29.51 2.54 -17.88
N GLU A 249 -30.75 2.66 -17.43
CA GLU A 249 -31.38 3.95 -17.19
C GLU A 249 -32.01 3.98 -15.79
N THR A 250 -32.03 5.16 -15.20
CA THR A 250 -32.67 5.41 -13.93
C THR A 250 -33.60 6.61 -14.10
N VAL A 251 -34.70 6.63 -13.34
CA VAL A 251 -35.76 7.62 -13.54
C VAL A 251 -35.63 8.73 -12.50
N ASN A 252 -35.74 9.98 -12.97
CA ASN A 252 -35.71 11.17 -12.13
C ASN A 252 -37.13 11.71 -11.89
N LEU A 257 -35.55 13.01 -17.96
CA LEU A 257 -35.68 12.52 -16.58
C LEU A 257 -34.99 11.16 -16.45
N CYS A 258 -34.55 10.62 -17.58
CA CYS A 258 -33.79 9.37 -17.62
C CYS A 258 -32.31 9.66 -17.44
N VAL A 259 -31.65 8.85 -16.62
CA VAL A 259 -30.24 9.02 -16.32
C VAL A 259 -29.47 7.85 -16.92
N PRO A 260 -28.54 8.09 -17.84
CA PRO A 260 -27.76 6.97 -18.42
C PRO A 260 -26.77 6.40 -17.40
N ARG A 261 -26.69 5.09 -17.37
CA ARG A 261 -25.83 4.36 -16.45
C ARG A 261 -24.87 3.48 -17.24
N VAL A 262 -23.62 3.41 -16.76
CA VAL A 262 -22.61 2.53 -17.34
C VAL A 262 -22.10 1.66 -16.21
N PHE A 263 -22.30 0.36 -16.34
CA PHE A 263 -21.73 -0.59 -15.40
C PHE A 263 -20.73 -1.45 -16.16
N LEU A 264 -19.78 -1.99 -15.41
CA LEU A 264 -18.91 -3.03 -15.91
C LEU A 264 -19.39 -4.33 -15.30
N GLN A 265 -19.69 -5.31 -16.15
CA GLN A 265 -20.29 -6.57 -15.72
C GLN A 265 -19.49 -7.70 -16.33
N SER A 266 -18.95 -8.57 -15.48
CA SER A 266 -17.93 -9.50 -15.92
C SER A 266 -18.08 -10.82 -15.19
N LYS A 267 -17.33 -11.82 -15.69
CA LYS A 267 -17.27 -13.14 -15.09
C LYS A 267 -15.85 -13.67 -15.29
N PHE A 268 -15.17 -14.00 -14.21
CA PHE A 268 -13.78 -14.42 -14.28
C PHE A 268 -13.62 -15.80 -13.64
N LEU A 269 -12.79 -16.63 -14.25
CA LEU A 269 -12.74 -18.05 -13.94
C LEU A 269 -11.46 -18.39 -13.19
N LYS A 270 -11.60 -19.16 -12.12
CA LYS A 270 -10.44 -19.79 -11.50
C LYS A 270 -10.12 -21.08 -12.23
N PRO A 271 -8.91 -21.24 -12.77
CA PRO A 271 -8.65 -22.36 -13.67
C PRO A 271 -8.57 -23.67 -12.90
N PRO A 272 -9.01 -24.80 -13.51
CA PRO A 272 -8.95 -26.14 -12.93
C PRO A 272 -7.56 -26.74 -12.98
N THR B 29 18.55 30.70 5.39
CA THR B 29 19.96 31.01 5.16
C THR B 29 20.58 31.73 6.36
N LEU B 30 20.13 31.35 7.56
CA LEU B 30 20.58 31.99 8.79
C LEU B 30 21.76 31.26 9.43
N VAL B 31 22.60 30.59 8.64
CA VAL B 31 23.76 29.88 9.15
C VAL B 31 24.96 30.24 8.29
N SER B 32 26.13 30.28 8.93
CA SER B 32 27.41 30.62 8.31
C SER B 32 27.66 29.84 7.02
N ASP B 33 28.45 30.40 6.10
CA ASP B 33 29.03 29.57 5.05
C ASP B 33 30.17 28.72 5.57
N PHE B 34 30.79 29.12 6.69
CA PHE B 34 31.84 28.34 7.34
C PHE B 34 31.26 27.20 8.18
N LYS B 35 30.21 27.49 8.97
CA LYS B 35 29.62 26.46 9.81
C LYS B 35 28.99 25.34 8.98
N GLN B 36 28.36 25.69 7.87
CA GLN B 36 27.83 24.67 6.97
C GLN B 36 28.94 23.73 6.52
N GLN B 37 30.06 24.31 6.04
CA GLN B 37 31.18 23.49 5.62
C GLN B 37 31.79 22.74 6.79
N LYS B 38 31.74 23.32 7.99
CA LYS B 38 32.19 22.58 9.17
C LYS B 38 31.28 21.40 9.43
N LEU B 39 29.96 21.60 9.34
CA LEU B 39 29.00 20.54 9.61
C LEU B 39 29.10 19.42 8.57
N GLU B 40 29.39 19.76 7.31
CA GLU B 40 29.62 18.73 6.30
C GLU B 40 30.95 18.03 6.52
N GLN B 41 32.01 18.79 6.82
CA GLN B 41 33.31 18.19 7.09
C GLN B 41 33.26 17.21 8.25
N GLU B 42 32.42 17.48 9.24
CA GLU B 42 32.38 16.68 10.46
C GLU B 42 31.12 15.83 10.55
N ALA B 43 30.45 15.59 9.42
CA ALA B 43 29.22 14.81 9.42
C ALA B 43 29.39 13.47 10.13
N GLN B 44 30.52 12.80 9.89
CA GLN B 44 30.75 11.50 10.52
C GLN B 44 31.04 11.64 12.01
N LYS B 45 31.88 12.62 12.37
CA LYS B 45 32.21 12.85 13.77
C LYS B 45 30.93 13.03 14.59
N ASN B 46 30.07 13.95 14.16
CA ASN B 46 28.88 14.27 14.94
C ASN B 46 27.96 13.06 15.07
N TRP B 47 27.85 12.25 14.01
CA TRP B 47 27.04 11.05 14.13
C TRP B 47 27.71 10.04 15.05
N ASP B 48 29.03 9.89 14.94
CA ASP B 48 29.73 8.98 15.85
C ASP B 48 29.64 9.47 17.29
N LEU B 49 29.85 10.79 17.49
CA LEU B 49 29.66 11.36 18.82
C LEU B 49 28.28 11.04 19.38
N PHE B 50 27.25 11.18 18.56
CA PHE B 50 25.89 10.86 18.96
C PHE B 50 25.81 9.46 19.56
N TYR B 51 26.43 8.49 18.91
CA TYR B 51 26.36 7.12 19.41
C TYR B 51 27.23 6.92 20.65
N LYS B 52 28.29 7.71 20.81
CA LYS B 52 29.07 7.63 22.04
C LYS B 52 28.28 8.15 23.24
N ARG B 53 27.39 9.12 23.01
CA ARG B 53 26.62 9.75 24.09
C ARG B 53 25.53 8.86 24.67
N ASN B 54 25.25 7.71 24.06
CA ASN B 54 24.23 6.81 24.59
C ASN B 54 24.66 5.36 24.47
N THR B 65 9.41 -1.31 10.31
CA THR B 65 7.96 -1.53 10.26
C THR B 65 7.58 -2.67 9.30
N THR B 66 6.36 -2.58 8.75
CA THR B 66 5.78 -3.70 8.02
C THR B 66 5.85 -3.54 6.51
N ARG B 67 5.92 -2.30 5.99
CA ARG B 67 6.14 -2.13 4.55
C ARG B 67 7.39 -2.85 4.10
N GLU B 68 8.40 -2.91 4.97
CA GLU B 68 9.63 -3.63 4.67
C GLU B 68 9.39 -5.13 4.67
N PHE B 69 8.69 -5.64 5.69
CA PHE B 69 8.29 -7.03 5.73
C PHE B 69 7.59 -7.43 4.43
N GLU B 70 6.59 -6.64 4.03
CA GLU B 70 5.78 -6.99 2.85
C GLU B 70 6.63 -7.11 1.59
N GLU B 71 7.70 -6.32 1.46
CA GLU B 71 8.49 -6.35 0.24
C GLU B 71 9.40 -7.58 0.17
N LEU B 72 9.84 -8.10 1.33
CA LEU B 72 10.61 -9.33 1.33
C LEU B 72 9.77 -10.50 0.83
N ARG B 73 8.56 -10.67 1.39
CA ARG B 73 7.62 -11.66 0.88
C ARG B 73 7.25 -11.41 -0.58
N SER B 74 7.51 -10.21 -1.10
CA SER B 74 7.27 -9.93 -2.50
C SER B 74 8.40 -10.45 -3.38
N CYS B 75 9.64 -10.35 -2.91
CA CYS B 75 10.78 -10.79 -3.72
C CYS B 75 10.90 -12.30 -3.79
N ARG B 76 10.36 -13.03 -2.81
CA ARG B 76 10.40 -14.48 -2.86
C ARG B 76 9.71 -14.98 -4.12
N GLU B 77 10.43 -15.78 -4.90
CA GLU B 77 9.80 -16.39 -6.08
C GLU B 77 8.94 -17.57 -5.66
N PHE B 78 9.54 -18.61 -5.08
CA PHE B 78 8.68 -19.73 -4.69
C PHE B 78 8.08 -19.54 -3.29
N GLU B 79 8.92 -19.71 -2.26
CA GLU B 79 8.56 -19.51 -0.85
C GLU B 79 9.78 -19.87 -0.01
N ASP B 80 9.94 -19.27 1.16
CA ASP B 80 11.14 -19.50 1.98
C ASP B 80 12.43 -19.33 1.18
N GLN B 81 12.39 -18.53 0.11
CA GLN B 81 13.55 -18.38 -0.76
C GLN B 81 14.57 -17.46 -0.12
N LYS B 82 15.84 -17.84 -0.23
CA LYS B 82 16.91 -17.00 0.31
C LYS B 82 16.99 -15.69 -0.46
N LEU B 83 17.14 -14.59 0.28
CA LEU B 83 17.29 -13.27 -0.32
C LEU B 83 18.43 -12.51 0.35
N THR B 84 19.10 -11.67 -0.42
CA THR B 84 20.17 -10.83 0.09
C THR B 84 19.70 -9.38 0.11
N MET B 85 20.06 -8.69 1.18
CA MET B 85 19.46 -7.42 1.56
C MET B 85 20.56 -6.49 2.06
N LEU B 86 20.46 -5.21 1.70
CA LEU B 86 21.39 -4.20 2.17
C LEU B 86 20.64 -3.15 2.96
N GLU B 87 20.94 -3.04 4.25
CA GLU B 87 20.43 -1.95 5.07
C GLU B 87 21.49 -0.84 5.07
N ALA B 88 21.30 0.15 4.20
CA ALA B 88 22.28 1.23 4.02
C ALA B 88 22.04 2.31 5.07
N GLY B 89 22.98 2.46 6.00
CA GLY B 89 22.83 3.39 7.10
C GLY B 89 22.24 2.71 8.33
N CYS B 90 22.79 1.54 8.66
CA CYS B 90 22.15 0.61 9.59
C CYS B 90 22.07 1.12 11.02
N GLY B 91 22.82 2.16 11.38
CA GLY B 91 22.84 2.62 12.76
C GLY B 91 23.24 1.48 13.69
N VAL B 92 22.48 1.29 14.77
CA VAL B 92 22.72 0.20 15.70
C VAL B 92 21.91 -1.05 15.34
N GLY B 93 21.28 -1.07 14.17
CA GLY B 93 20.52 -2.23 13.76
C GLY B 93 19.05 -2.21 14.13
N ASN B 94 18.49 -1.03 14.41
CA ASN B 94 17.09 -0.93 14.81
C ASN B 94 16.17 -1.54 13.77
N CYS B 95 16.49 -1.31 12.50
CA CYS B 95 15.69 -1.79 11.38
C CYS B 95 16.30 -3.03 10.73
N LEU B 96 17.31 -3.63 11.38
CA LEU B 96 17.99 -4.79 10.84
C LEU B 96 17.70 -6.06 11.64
N PHE B 97 17.97 -6.03 12.94
CA PHE B 97 17.77 -7.24 13.75
C PHE B 97 16.34 -7.75 13.77
N PRO B 98 15.29 -6.90 13.84
CA PRO B 98 13.94 -7.46 13.72
C PRO B 98 13.73 -8.24 12.44
N LEU B 99 14.15 -7.69 11.31
CA LEU B 99 13.98 -8.37 10.02
C LEU B 99 14.68 -9.72 10.01
N LEU B 100 15.87 -9.81 10.61
CA LEU B 100 16.59 -11.07 10.61
C LEU B 100 15.93 -12.07 11.55
N GLU B 101 15.39 -11.59 12.68
CA GLU B 101 14.73 -12.49 13.62
C GLU B 101 13.43 -13.03 13.03
N GLU B 102 12.70 -12.19 12.30
CA GLU B 102 11.37 -12.58 11.81
C GLU B 102 11.42 -13.33 10.49
N ASP B 103 12.38 -13.01 9.62
CA ASP B 103 12.58 -13.77 8.40
C ASP B 103 13.83 -14.62 8.54
N PRO B 104 13.74 -15.93 8.40
CA PRO B 104 14.92 -16.78 8.58
C PRO B 104 15.76 -16.84 7.32
N ASN B 105 15.14 -16.71 6.15
CA ASN B 105 15.81 -16.96 4.88
C ASN B 105 16.24 -15.66 4.21
N ILE B 106 17.11 -14.93 4.91
CA ILE B 106 17.55 -13.62 4.44
C ILE B 106 18.94 -13.37 4.97
N PHE B 107 19.85 -12.97 4.09
CA PHE B 107 21.17 -12.49 4.49
C PHE B 107 21.21 -10.99 4.28
N ALA B 108 21.77 -10.27 5.25
CA ALA B 108 21.69 -8.81 5.27
C ALA B 108 23.08 -8.21 5.34
N TYR B 109 23.51 -7.61 4.24
CA TYR B 109 24.59 -6.63 4.28
C TYR B 109 24.10 -5.38 5.01
N ALA B 110 24.95 -4.84 5.86
CA ALA B 110 24.60 -3.65 6.62
C ALA B 110 25.82 -2.75 6.72
N CYS B 111 25.63 -1.46 6.46
CA CYS B 111 26.75 -0.55 6.62
C CYS B 111 26.28 0.74 7.28
N ASP B 112 27.27 1.46 7.79
CA ASP B 112 27.11 2.75 8.44
C ASP B 112 28.50 3.40 8.46
N PHE B 113 28.54 4.72 8.53
CA PHE B 113 29.85 5.34 8.57
C PHE B 113 30.28 5.69 9.99
N SER B 114 29.43 5.44 10.99
CA SER B 114 29.83 5.62 12.38
C SER B 114 30.47 4.34 12.88
N PRO B 115 31.77 4.33 13.21
CA PRO B 115 32.36 3.11 13.77
C PRO B 115 31.75 2.69 15.09
N ARG B 116 31.39 3.66 15.95
CA ARG B 116 30.72 3.31 17.20
C ARG B 116 29.38 2.63 16.93
N ALA B 117 28.67 3.08 15.89
CA ALA B 117 27.42 2.43 15.52
C ALA B 117 27.65 0.96 15.17
N ILE B 118 28.73 0.68 14.43
CA ILE B 118 28.96 -0.69 13.97
C ILE B 118 29.37 -1.60 15.13
N GLU B 119 30.11 -1.07 16.10
CA GLU B 119 30.37 -1.88 17.30
C GLU B 119 29.06 -2.25 17.99
N TYR B 120 28.16 -1.28 18.15
CA TYR B 120 26.87 -1.56 18.75
C TYR B 120 26.11 -2.64 17.99
N VAL B 121 26.37 -2.77 16.69
CA VAL B 121 25.75 -3.85 15.92
C VAL B 121 26.42 -5.18 16.23
N LYS B 122 27.75 -5.20 16.18
CA LYS B 122 28.47 -6.45 16.32
C LYS B 122 28.48 -6.99 17.74
N GLN B 123 28.08 -6.18 18.73
CA GLN B 123 28.20 -6.59 20.12
C GLN B 123 26.85 -6.75 20.81
N ASN B 124 25.77 -6.82 20.07
CA ASN B 124 24.56 -7.27 20.75
C ASN B 124 24.37 -8.76 20.49
N PRO B 125 23.66 -9.45 21.38
CA PRO B 125 23.62 -10.93 21.30
C PRO B 125 22.98 -11.44 20.02
N LEU B 126 22.06 -10.69 19.41
CA LEU B 126 21.43 -11.19 18.19
C LEU B 126 22.41 -11.28 17.02
N TYR B 127 23.57 -10.62 17.12
CA TYR B 127 24.51 -10.55 16.01
C TYR B 127 25.03 -11.93 15.64
N ASP B 128 24.78 -12.34 14.40
CA ASP B 128 25.28 -13.61 13.87
C ASP B 128 25.86 -13.33 12.49
N THR B 129 27.17 -13.59 12.33
CA THR B 129 27.84 -13.32 11.07
C THR B 129 27.46 -14.31 9.98
N GLU B 130 26.74 -15.39 10.33
CA GLU B 130 26.23 -16.29 9.31
C GLU B 130 25.02 -15.69 8.58
N ARG B 131 24.37 -14.69 9.17
CA ARG B 131 23.21 -14.04 8.56
C ARG B 131 23.45 -12.58 8.25
N CYS B 132 24.61 -12.03 8.61
CA CYS B 132 24.80 -10.59 8.61
C CYS B 132 26.25 -10.25 8.32
N LYS B 133 26.48 -9.37 7.35
CA LYS B 133 27.79 -8.81 7.06
C LYS B 133 27.72 -7.30 7.27
N VAL B 134 28.33 -6.82 8.34
CA VAL B 134 28.31 -5.40 8.67
C VAL B 134 29.67 -4.80 8.35
N PHE B 135 29.68 -3.56 7.87
CA PHE B 135 30.94 -2.93 7.50
C PHE B 135 30.79 -1.41 7.48
N GLN B 136 31.90 -0.72 7.74
CA GLN B 136 31.88 0.74 7.73
C GLN B 136 31.94 1.27 6.30
N CYS B 137 31.20 2.33 6.05
CA CYS B 137 31.13 2.90 4.71
C CYS B 137 30.53 4.30 4.77
N ASP B 138 31.20 5.26 4.17
CA ASP B 138 30.59 6.56 3.91
C ASP B 138 29.95 6.46 2.54
N LEU B 139 28.61 6.42 2.52
CA LEU B 139 27.87 6.20 1.30
C LEU B 139 28.07 7.32 0.28
N THR B 140 28.64 8.45 0.67
CA THR B 140 28.92 9.46 -0.34
C THR B 140 30.25 9.25 -1.02
N LYS B 141 31.17 8.47 -0.43
CA LYS B 141 32.49 8.35 -1.05
C LYS B 141 33.11 6.96 -1.05
N ASP B 142 32.64 6.00 -0.25
CA ASP B 142 33.22 4.67 -0.20
C ASP B 142 32.41 3.74 -1.08
N ASP B 143 33.06 3.02 -1.99
CA ASP B 143 32.32 2.16 -2.90
C ASP B 143 31.70 1.00 -2.13
N LEU B 144 30.41 0.78 -2.37
CA LEU B 144 29.74 -0.39 -1.82
C LEU B 144 30.28 -1.68 -2.41
N LEU B 145 30.84 -1.62 -3.62
CA LEU B 145 31.44 -2.79 -4.24
C LEU B 145 32.68 -3.30 -3.51
N ASP B 146 33.26 -2.50 -2.60
CA ASP B 146 34.32 -3.01 -1.73
C ASP B 146 33.84 -4.20 -0.91
N HIS B 147 32.56 -4.23 -0.53
CA HIS B 147 32.07 -5.31 0.31
C HIS B 147 30.82 -5.97 -0.19
N VAL B 148 30.14 -5.41 -1.18
CA VAL B 148 28.90 -5.98 -1.69
C VAL B 148 29.08 -6.23 -3.18
N PRO B 149 29.01 -7.47 -3.62
CA PRO B 149 29.22 -7.76 -5.05
C PRO B 149 28.18 -7.06 -5.89
N PRO B 150 28.51 -6.73 -7.13
CA PRO B 150 27.57 -5.97 -7.96
C PRO B 150 26.35 -6.80 -8.29
N GLU B 151 25.22 -6.10 -8.49
CA GLU B 151 23.93 -6.70 -8.81
C GLU B 151 23.66 -7.92 -7.93
N SER B 152 23.97 -7.79 -6.65
CA SER B 152 23.88 -8.90 -5.71
C SER B 152 22.66 -8.84 -4.81
N VAL B 153 22.02 -7.66 -4.66
CA VAL B 153 21.03 -7.42 -3.61
C VAL B 153 19.62 -7.42 -4.19
N ASP B 154 18.69 -8.02 -3.43
CA ASP B 154 17.28 -8.02 -3.81
C ASP B 154 16.52 -6.80 -3.30
N VAL B 155 16.95 -6.23 -2.18
CA VAL B 155 16.27 -5.05 -1.66
C VAL B 155 17.28 -4.22 -0.88
N VAL B 156 17.38 -2.95 -1.22
CA VAL B 156 18.15 -1.97 -0.46
C VAL B 156 17.18 -1.12 0.32
N MET B 157 17.53 -0.81 1.56
CA MET B 157 16.66 -0.03 2.44
C MET B 157 17.39 1.23 2.90
N LEU B 158 16.82 2.37 2.55
CA LEU B 158 17.30 3.69 2.92
C LEU B 158 16.29 4.30 3.89
N ILE B 159 16.44 4.00 5.18
CA ILE B 159 15.45 4.34 6.19
C ILE B 159 16.05 5.40 7.10
N PHE B 160 15.62 6.65 6.93
CA PHE B 160 16.07 7.77 7.77
C PHE B 160 17.59 7.93 7.71
N VAL B 161 18.14 7.88 6.50
CA VAL B 161 19.56 8.07 6.28
C VAL B 161 19.83 9.21 5.31
N LEU B 162 19.19 9.21 4.14
CA LEU B 162 19.46 10.23 3.13
C LEU B 162 19.30 11.64 3.69
N SER B 163 18.33 11.86 4.58
CA SER B 163 18.13 13.18 5.18
C SER B 163 19.31 13.65 6.02
N ALA B 164 20.27 12.78 6.35
CA ALA B 164 21.47 13.18 7.05
C ALA B 164 22.60 13.52 6.10
N VAL B 165 22.41 13.29 4.82
CA VAL B 165 23.40 13.55 3.79
C VAL B 165 23.14 14.94 3.23
N HIS B 166 24.20 15.62 2.84
CA HIS B 166 24.03 16.93 2.24
C HIS B 166 23.25 16.79 0.94
N PRO B 167 22.30 17.69 0.66
CA PRO B 167 21.49 17.58 -0.56
C PRO B 167 22.28 17.47 -1.84
N ASP B 168 23.42 18.17 -1.93
CA ASP B 168 24.26 18.10 -3.12
C ASP B 168 24.95 16.74 -3.24
N LYS B 169 25.08 15.99 -2.15
CA LYS B 169 25.73 14.69 -2.18
C LYS B 169 24.74 13.53 -2.22
N MET B 170 23.43 13.78 -2.15
CA MET B 170 22.47 12.68 -2.02
C MET B 170 22.49 11.77 -3.24
N HIS B 171 22.72 12.34 -4.43
CA HIS B 171 22.76 11.51 -5.64
C HIS B 171 23.94 10.56 -5.62
N LEU B 172 25.02 10.92 -4.92
CA LEU B 172 26.14 9.99 -4.76
C LEU B 172 25.71 8.75 -4.00
N VAL B 173 24.91 8.92 -2.93
CA VAL B 173 24.41 7.75 -2.21
C VAL B 173 23.54 6.91 -3.11
N LEU B 174 22.70 7.56 -3.93
CA LEU B 174 21.81 6.80 -4.78
C LEU B 174 22.59 6.10 -5.90
N GLN B 175 23.61 6.77 -6.46
CA GLN B 175 24.48 6.12 -7.45
C GLN B 175 25.25 4.96 -6.84
N ASN B 176 25.74 5.13 -5.60
CA ASN B 176 26.43 4.05 -4.91
C ASN B 176 25.53 2.82 -4.80
N ILE B 177 24.33 3.00 -4.25
CA ILE B 177 23.37 1.93 -4.06
C ILE B 177 23.01 1.23 -5.37
N TYR B 178 22.98 1.97 -6.49
CA TYR B 178 22.62 1.38 -7.77
C TYR B 178 23.51 0.18 -8.10
N LYS B 179 24.82 0.26 -7.77
CA LYS B 179 25.74 -0.79 -8.19
C LYS B 179 25.36 -2.14 -7.61
N VAL B 180 24.87 -2.16 -6.36
CA VAL B 180 24.62 -3.42 -5.69
C VAL B 180 23.26 -4.02 -5.99
N LEU B 181 22.38 -3.28 -6.67
CA LEU B 181 21.00 -3.70 -6.86
C LEU B 181 20.85 -4.63 -8.06
N LYS B 182 20.25 -5.80 -7.83
CA LYS B 182 19.85 -6.64 -8.96
C LYS B 182 18.92 -5.86 -9.86
N PRO B 183 19.03 -5.99 -11.19
CA PRO B 183 18.10 -5.30 -12.07
C PRO B 183 16.67 -5.73 -11.79
N GLY B 184 15.74 -4.81 -11.97
CA GLY B 184 14.37 -5.08 -11.61
C GLY B 184 14.09 -5.07 -10.14
N LYS B 185 15.09 -4.83 -9.29
CA LYS B 185 14.86 -4.73 -7.86
C LYS B 185 14.87 -3.24 -7.45
N SER B 186 14.63 -3.00 -6.15
CA SER B 186 14.22 -1.67 -5.73
C SER B 186 14.85 -1.25 -4.41
N VAL B 187 14.93 0.07 -4.22
CA VAL B 187 15.23 0.70 -2.93
C VAL B 187 13.92 0.93 -2.18
N LEU B 188 13.92 0.67 -0.88
CA LEU B 188 12.81 0.99 0.00
C LEU B 188 13.19 2.21 0.82
N PHE B 189 12.59 3.35 0.49
CA PHE B 189 12.97 4.63 1.09
C PHE B 189 11.93 5.10 2.10
N ARG B 190 12.41 5.71 3.18
CA ARG B 190 11.53 6.38 4.13
C ARG B 190 12.36 7.38 4.92
N ASP B 191 11.92 8.63 4.96
CA ASP B 191 12.66 9.69 5.65
C ASP B 191 11.70 10.80 6.03
N TYR B 192 12.22 11.80 6.74
CA TYR B 192 11.42 12.96 7.12
C TYR B 192 10.83 13.64 5.87
N GLY B 193 9.53 13.91 5.93
CA GLY B 193 8.85 14.59 4.85
C GLY B 193 8.55 16.04 5.20
N LEU B 194 8.18 16.80 4.17
CA LEU B 194 7.82 18.20 4.31
C LEU B 194 6.82 18.41 5.45
N TYR B 195 7.01 19.50 6.21
CA TYR B 195 6.13 19.88 7.32
C TYR B 195 6.04 18.84 8.43
N ASP B 196 7.04 17.95 8.54
CA ASP B 196 7.06 17.05 9.67
C ASP B 196 7.17 17.85 10.97
N HIS B 197 6.72 17.22 12.07
CA HIS B 197 6.72 17.89 13.37
C HIS B 197 8.04 18.61 13.62
N ALA B 198 9.16 17.90 13.37
CA ALA B 198 10.48 18.46 13.61
C ALA B 198 10.70 19.73 12.79
N MET B 199 10.39 19.71 11.50
CA MET B 199 10.54 20.91 10.68
C MET B 199 9.65 22.05 11.17
N LEU B 200 8.50 21.73 11.77
CA LEU B 200 7.63 22.76 12.33
C LEU B 200 8.14 23.32 13.64
N ARG B 201 9.26 22.85 14.16
CA ARG B 201 9.81 23.36 15.41
C ARG B 201 11.06 24.19 15.22
N PHE B 202 11.91 23.84 14.28
CA PHE B 202 13.19 24.52 14.12
C PHE B 202 12.99 26.02 14.01
N LYS B 203 13.62 26.77 14.90
CA LYS B 203 13.60 28.21 14.71
C LYS B 203 14.73 28.60 13.76
N ALA B 204 14.61 29.81 13.20
CA ALA B 204 15.46 30.21 12.09
C ALA B 204 16.94 30.03 12.41
N SER B 205 17.27 29.85 13.69
CA SER B 205 18.64 29.64 14.12
C SER B 205 19.24 28.36 13.54
N SER B 206 18.41 27.37 13.21
CA SER B 206 18.92 26.10 12.73
C SER B 206 18.73 25.87 11.23
N LYS B 207 18.15 26.83 10.51
CA LYS B 207 17.89 26.64 9.09
C LYS B 207 19.18 26.83 8.30
N LEU B 208 19.61 25.78 7.60
CA LEU B 208 20.70 25.86 6.65
C LEU B 208 20.23 26.22 5.25
N GLY B 209 18.93 26.09 5.00
CA GLY B 209 18.38 26.27 3.67
C GLY B 209 16.97 25.74 3.69
N GLU B 210 16.27 25.95 2.58
CA GLU B 210 14.88 25.52 2.55
C GLU B 210 14.82 24.03 2.82
N ASN B 211 14.00 23.65 3.80
CA ASN B 211 13.75 22.28 4.22
C ASN B 211 14.98 21.60 4.83
N PHE B 212 16.02 22.36 5.17
CA PHE B 212 17.33 21.81 5.51
C PHE B 212 17.77 22.43 6.84
N TYR B 213 17.84 21.63 7.91
CA TYR B 213 18.07 22.13 9.26
C TYR B 213 19.13 21.30 9.98
N VAL B 214 19.76 21.90 10.98
CA VAL B 214 20.81 21.28 11.78
C VAL B 214 20.33 21.08 13.21
N ARG B 215 20.38 19.83 13.70
CA ARG B 215 19.97 19.52 15.06
C ARG B 215 21.05 19.97 16.05
N GLN B 216 20.73 19.86 17.34
CA GLN B 216 21.63 20.35 18.38
C GLN B 216 22.93 19.56 18.42
N ASP B 217 22.86 18.25 18.21
CA ASP B 217 24.07 17.45 18.26
C ASP B 217 24.85 17.50 16.96
N GLY B 218 24.56 18.46 16.08
CA GLY B 218 25.33 18.69 14.88
C GLY B 218 24.91 17.84 13.69
N THR B 219 24.28 16.69 13.92
CA THR B 219 23.61 15.99 12.84
C THR B 219 22.51 16.87 12.28
N ARG B 220 22.18 16.65 11.03
CA ARG B 220 21.20 17.48 10.33
C ARG B 220 20.11 16.62 9.72
N SER B 221 18.97 17.22 9.40
CA SER B 221 17.98 16.48 8.65
C SER B 221 17.37 17.36 7.59
N TYR B 222 17.31 16.83 6.37
CA TYR B 222 16.63 17.43 5.25
C TYR B 222 15.22 16.89 5.18
N PHE B 223 14.24 17.76 4.93
CA PHE B 223 12.83 17.38 4.90
C PHE B 223 12.39 17.30 3.44
N PHE B 224 12.08 16.08 2.99
CA PHE B 224 11.93 15.83 1.56
C PHE B 224 10.56 16.27 1.08
N THR B 225 10.52 16.84 -0.12
CA THR B 225 9.28 16.87 -0.87
C THR B 225 9.26 15.69 -1.82
N ASP B 226 8.06 15.16 -2.08
CA ASP B 226 7.92 14.02 -2.97
C ASP B 226 8.57 14.28 -4.32
N ASP B 227 8.54 15.53 -4.76
CA ASP B 227 9.06 15.88 -6.08
C ASP B 227 10.59 15.87 -6.09
N PHE B 228 11.20 16.46 -5.06
CA PHE B 228 12.66 16.52 -4.99
C PHE B 228 13.27 15.13 -4.89
N LEU B 229 12.71 14.28 -4.02
CA LEU B 229 13.21 12.91 -3.93
C LEU B 229 13.04 12.17 -5.24
N ALA B 230 11.90 12.34 -5.90
CA ALA B 230 11.68 11.64 -7.16
C ALA B 230 12.72 12.03 -8.19
N GLN B 231 13.14 13.30 -8.20
CA GLN B 231 14.13 13.75 -9.17
C GLN B 231 15.48 13.12 -8.91
N LEU B 232 15.89 13.05 -7.65
CA LEU B 232 17.14 12.38 -7.31
C LEU B 232 17.19 10.97 -7.86
N PHE B 233 16.08 10.24 -7.73
CA PHE B 233 16.10 8.85 -8.16
C PHE B 233 16.08 8.74 -9.68
N MET B 234 15.36 9.64 -10.35
CA MET B 234 15.33 9.62 -11.80
C MET B 234 16.62 10.14 -12.40
N ASP B 235 17.28 11.11 -11.74
CA ASP B 235 18.57 11.57 -12.23
C ASP B 235 19.63 10.48 -12.13
N THR B 236 19.45 9.49 -11.26
CA THR B 236 20.43 8.42 -11.10
C THR B 236 19.91 7.09 -11.59
N GLY B 237 18.90 7.11 -12.45
CA GLY B 237 18.58 5.96 -13.27
C GLY B 237 17.51 5.02 -12.76
N TYR B 238 16.68 5.44 -11.80
CA TYR B 238 15.64 4.57 -11.29
C TYR B 238 14.28 4.92 -11.91
N GLU B 239 13.28 4.11 -11.57
CA GLU B 239 11.90 4.35 -11.96
C GLU B 239 11.02 4.35 -10.72
N GLU B 240 10.11 5.32 -10.63
CA GLU B 240 9.26 5.47 -9.47
C GLU B 240 8.19 4.39 -9.45
N VAL B 241 8.15 3.60 -8.37
CA VAL B 241 7.05 2.68 -8.11
C VAL B 241 6.06 3.29 -7.13
N VAL B 242 6.53 3.78 -5.99
CA VAL B 242 5.69 4.47 -5.00
C VAL B 242 6.44 5.70 -4.49
N ASN B 243 5.73 6.82 -4.36
CA ASN B 243 6.33 8.04 -3.81
C ASN B 243 5.20 8.86 -3.18
N GLU B 244 5.02 8.73 -1.87
CA GLU B 244 3.86 9.33 -1.23
C GLU B 244 4.17 9.70 0.22
N TYR B 245 3.55 10.79 0.67
CA TYR B 245 3.61 11.14 2.08
C TYR B 245 2.74 10.20 2.91
N VAL B 246 3.23 9.83 4.09
CA VAL B 246 2.47 9.06 5.06
C VAL B 246 2.51 9.81 6.37
N PHE B 247 1.44 9.69 7.15
CA PHE B 247 1.21 10.52 8.31
C PHE B 247 1.07 9.65 9.54
N ARG B 248 1.85 9.93 10.58
CA ARG B 248 1.89 9.12 11.78
C ARG B 248 1.94 10.03 12.99
N GLU B 249 1.83 9.42 14.17
CA GLU B 249 1.93 10.17 15.41
C GLU B 249 3.01 9.56 16.28
N THR B 250 3.63 10.40 17.12
CA THR B 250 4.69 9.96 18.02
C THR B 250 4.38 10.52 19.39
N VAL B 251 4.85 9.82 20.42
CA VAL B 251 4.69 10.28 21.80
C VAL B 251 5.93 11.04 22.27
N LEU B 257 1.90 13.50 25.19
CA LEU B 257 1.71 14.42 24.08
C LEU B 257 2.05 13.75 22.75
N CYS B 258 1.07 13.71 21.84
CA CYS B 258 1.25 13.15 20.51
C CYS B 258 1.35 14.26 19.49
N VAL B 259 2.30 14.12 18.57
CA VAL B 259 2.54 15.13 17.55
C VAL B 259 2.46 14.45 16.19
N PRO B 260 1.86 15.07 15.19
CA PRO B 260 1.77 14.43 13.87
C PRO B 260 3.12 14.45 13.16
N ARG B 261 3.48 13.30 12.58
CA ARG B 261 4.70 13.13 11.82
C ARG B 261 4.39 13.05 10.33
N VAL B 262 5.30 13.55 9.51
CA VAL B 262 5.20 13.43 8.07
C VAL B 262 6.41 12.67 7.57
N PHE B 263 6.18 11.50 6.98
CA PHE B 263 7.25 10.73 6.36
C PHE B 263 7.00 10.63 4.87
N LEU B 264 8.04 10.82 4.09
CA LEU B 264 8.00 10.45 2.68
C LEU B 264 8.39 8.98 2.61
N GLN B 265 7.48 8.15 2.13
CA GLN B 265 7.72 6.72 2.05
C GLN B 265 7.57 6.31 0.59
N SER B 266 8.62 5.72 0.03
CA SER B 266 8.74 5.58 -1.40
C SER B 266 9.37 4.24 -1.74
N LYS B 267 9.32 3.90 -3.03
CA LYS B 267 9.95 2.69 -3.55
C LYS B 267 10.36 2.98 -4.98
N PHE B 268 11.65 2.80 -5.28
CA PHE B 268 12.18 3.17 -6.58
C PHE B 268 12.94 2.00 -7.18
N LEU B 269 12.79 1.82 -8.48
CA LEU B 269 13.17 0.59 -9.16
C LEU B 269 14.36 0.78 -10.08
N LYS B 270 15.28 -0.20 -10.04
CA LYS B 270 16.35 -0.29 -11.03
C LYS B 270 15.82 -1.05 -12.25
N PRO B 271 15.67 -0.41 -13.41
CA PRO B 271 14.97 -1.06 -14.51
C PRO B 271 15.73 -2.29 -14.97
N PRO B 272 15.02 -3.30 -15.48
CA PRO B 272 15.68 -4.52 -15.93
C PRO B 272 16.30 -4.35 -17.31
N LYS B 273 17.03 -5.38 -17.74
CA LYS B 273 17.78 -5.37 -19.00
C LYS B 273 16.89 -5.64 -20.21
N SAM C . -22.83 -6.23 -2.87
CA SAM C . -23.93 -5.71 -2.07
C SAM C . -25.15 -5.49 -2.94
O SAM C . -25.27 -6.11 -3.99
OXT SAM C . -26.04 -4.70 -2.60
CB SAM C . -23.54 -4.41 -1.36
CG SAM C . -22.90 -3.27 -2.15
SD SAM C . -22.66 -1.82 -1.09
CE SAM C . -22.72 -0.47 -2.29
C5' SAM C . -20.87 -1.85 -0.78
C4' SAM C . -20.50 -2.72 0.40
O4' SAM C . -19.15 -3.11 0.31
C3' SAM C . -20.65 -2.00 1.74
O3' SAM C . -21.60 -2.70 2.52
C2' SAM C . -19.27 -2.06 2.39
O2' SAM C . -19.36 -2.34 3.77
C1' SAM C . -18.58 -3.16 1.61
N9 SAM C . -17.10 -3.07 1.60
C8 SAM C . -16.32 -2.04 1.13
N7 SAM C . -15.02 -2.39 1.30
C5 SAM C . -14.94 -3.60 1.87
C6 SAM C . -13.86 -4.41 2.26
N6 SAM C . -12.58 -4.01 2.10
N1 SAM C . -14.12 -5.64 2.82
C2 SAM C . -15.41 -6.06 3.01
N3 SAM C . -16.47 -5.25 2.63
C4 SAM C . -16.24 -4.04 2.07
N SAM D . 17.82 2.20 12.42
CA SAM D . 17.78 3.37 11.55
C SAM D . 17.64 2.92 10.12
O SAM D . 18.54 3.13 9.29
OXT SAM D . 16.61 2.35 9.78
CB SAM D . 19.05 4.22 11.69
CG SAM D . 18.89 5.59 11.05
SD SAM D . 19.76 6.87 12.00
CE SAM D . 18.48 8.16 12.05
C5' SAM D . 20.80 7.59 10.69
C4' SAM D . 22.07 6.79 10.41
O4' SAM D . 22.56 7.05 9.11
C3' SAM D . 23.20 7.10 11.38
O3' SAM D . 23.50 5.92 12.11
C2' SAM D . 24.36 7.53 10.50
O2' SAM D . 25.59 6.95 10.92
C1' SAM D . 23.98 7.04 9.13
N9 SAM D . 24.56 7.89 8.10
C8 SAM D . 24.37 9.24 7.92
N7 SAM D . 25.08 9.66 6.83
C5 SAM D . 25.73 8.59 6.33
C6 SAM D . 26.58 8.44 5.24
N6 SAM D . 26.90 9.49 4.47
N1 SAM D . 27.10 7.19 4.97
C2 SAM D . 26.77 6.12 5.76
N3 SAM D . 25.93 6.26 6.85
C4 SAM D . 25.41 7.48 7.12
#